data_8RW4
#
_entry.id   8RW4
#
_cell.length_a   39.494
_cell.length_b   179.587
_cell.length_c   139.991
_cell.angle_alpha   90.00
_cell.angle_beta   90.00
_cell.angle_gamma   90.00
#
_symmetry.space_group_name_H-M   'C 2 2 21'
#
loop_
_entity.id
_entity.type
_entity.pdbx_description
1 polymer 'Adenosine receptor A2a,Soluble cytochrome b562'
2 non-polymer 8-[(~{E})-(3,4-dimethoxyphenyl)diazenyl]-1,3-diethyl-7~{H}-purine-2,6-dione
3 non-polymer CHOLESTEROL
4 non-polymer 'OLEIC ACID'
5 non-polymer 'SODIUM ION'
6 water water
#
_entity_poly.entity_id   1
_entity_poly.type   'polypeptide(L)'
_entity_poly.pdbx_seq_one_letter_code
;MKTIIALSYIFCLVFADYKDDDDGAPPIMGSSVYITVELAIAVLAILGNVLVCWAVWLNSNLQNVTNYFVVSLAAADILV
GVLAIPFAITISTGFCAACHGCLFIACFVLVLAQSSIFSLLAIAIDRYIAIAIPLRYNGLVTGTRAAGIIAICWVLSFAI
GLTPMLGWNNCGQPKEGKAHSQGCGEGQVACLFEDVVPMNYMVYFNFFACVLVPLLLMLGVYLRIFAAARRQLADLEDNW
ETLNDNLKVIEKADNAAQVKDALTKMRAAALDAQKATPPKLEDKSPDSPEMKDFRHGFDILVGQIDDALKLANEGKVKEA
QAAAEQLKTTRNAYIQKYLERARSTLQKEVHAAKSAAIIAGLFALCWLPLHIINCFTFFCPDCSHAPLWLMYLAIVLSHT
NSVVNPFIYAYRIREFRQTFRKIIRSHVLRQQEPFKAAAHHHHHHHHHH
;
_entity_poly.pdbx_strand_id   A
#
loop_
_chem_comp.id
_chem_comp.type
_chem_comp.name
_chem_comp.formula
A1H3L non-polymer 8-[(~{E})-(3,4-dimethoxyphenyl)diazenyl]-1,3-diethyl-7~{H}-purine-2,6-dione 'C17 H20 N6 O4'
CLR non-polymer CHOLESTEROL 'C27 H46 O'
NA non-polymer 'SODIUM ION' 'Na 1'
OLA non-polymer 'OLEIC ACID' 'C18 H34 O2'
#
# COMPACT_ATOMS: atom_id res chain seq x y z
N ALA A 25 -19.07 -33.10 -20.99
CA ALA A 25 -19.30 -32.10 -22.02
C ALA A 25 -17.99 -31.72 -22.73
N PRO A 26 -18.09 -31.39 -24.02
CA PRO A 26 -16.87 -31.02 -24.78
C PRO A 26 -16.06 -29.97 -24.08
N PRO A 27 -14.76 -30.18 -23.91
CA PRO A 27 -13.96 -29.23 -23.12
C PRO A 27 -13.94 -27.83 -23.69
N ILE A 28 -14.10 -27.67 -25.01
CA ILE A 28 -14.04 -26.35 -25.61
C ILE A 28 -15.17 -25.45 -25.14
N MET A 29 -16.23 -26.03 -24.57
CA MET A 29 -17.36 -25.21 -24.14
C MET A 29 -17.04 -24.48 -22.84
N GLY A 30 -16.68 -25.23 -21.79
CA GLY A 30 -16.24 -24.59 -20.56
C GLY A 30 -14.98 -23.76 -20.75
N SER A 31 -14.11 -24.16 -21.67
N SER A 31 -14.11 -24.16 -21.67
CA SER A 31 -12.92 -23.37 -21.95
CA SER A 31 -12.92 -23.37 -21.95
C SER A 31 -13.28 -22.06 -22.63
C SER A 31 -13.28 -22.05 -22.63
N SER A 32 -14.32 -22.05 -23.48
CA SER A 32 -14.76 -20.80 -24.12
C SER A 32 -15.20 -19.78 -23.09
N VAL A 33 -15.93 -20.21 -22.06
CA VAL A 33 -16.37 -19.28 -21.01
C VAL A 33 -15.16 -18.75 -20.25
N TYR A 34 -14.26 -19.65 -19.85
CA TYR A 34 -13.06 -19.24 -19.14
C TYR A 34 -12.25 -18.24 -19.96
N ILE A 35 -12.03 -18.55 -21.25
CA ILE A 35 -11.20 -17.69 -22.09
C ILE A 35 -11.87 -16.34 -22.31
N THR A 36 -13.19 -16.33 -22.53
CA THR A 36 -13.87 -15.06 -22.75
C THR A 36 -13.79 -14.19 -21.51
N VAL A 37 -13.98 -14.77 -20.32
CA VAL A 37 -13.87 -14.00 -19.08
C VAL A 37 -12.45 -13.46 -18.92
N GLU A 38 -11.44 -14.29 -19.19
CA GLU A 38 -10.06 -13.83 -19.05
C GLU A 38 -9.78 -12.65 -19.98
N LEU A 39 -10.23 -12.75 -21.24
CA LEU A 39 -10.02 -11.65 -22.18
C LEU A 39 -10.72 -10.39 -21.73
N ALA A 40 -11.93 -10.52 -21.20
CA ALA A 40 -12.64 -9.36 -20.66
C ALA A 40 -11.85 -8.72 -19.53
N ILE A 41 -11.28 -9.53 -18.65
CA ILE A 41 -10.50 -9.00 -17.54
C ILE A 41 -9.24 -8.31 -18.05
N ALA A 42 -8.60 -8.92 -19.05
CA ALA A 42 -7.37 -8.35 -19.60
C ALA A 42 -7.61 -6.96 -20.18
N VAL A 43 -8.71 -6.78 -20.91
N VAL A 43 -8.73 -6.74 -20.88
CA VAL A 43 -9.05 -5.47 -21.46
CA VAL A 43 -8.95 -5.44 -21.47
C VAL A 43 -9.17 -4.45 -20.35
C VAL A 43 -9.29 -4.40 -20.40
N LEU A 44 -9.91 -4.80 -19.29
CA LEU A 44 -10.18 -3.85 -18.21
C LEU A 44 -8.91 -3.55 -17.42
N ALA A 45 -8.05 -4.56 -17.23
CA ALA A 45 -6.80 -4.34 -16.52
C ALA A 45 -5.90 -3.37 -17.26
N ILE A 46 -5.82 -3.51 -18.58
CA ILE A 46 -4.99 -2.61 -19.38
C ILE A 46 -5.56 -1.19 -19.33
N LEU A 47 -6.86 -1.04 -19.61
CA LEU A 47 -7.46 0.29 -19.72
C LEU A 47 -7.36 1.06 -18.41
N GLY A 48 -7.70 0.40 -17.29
CA GLY A 48 -7.72 1.11 -16.02
C GLY A 48 -6.34 1.53 -15.57
N ASN A 49 -5.35 0.66 -15.76
CA ASN A 49 -4.01 0.95 -15.27
C ASN A 49 -3.21 1.83 -16.21
N VAL A 50 -3.48 1.79 -17.51
CA VAL A 50 -2.97 2.83 -18.40
C VAL A 50 -3.46 4.20 -17.94
N LEU A 51 -4.74 4.28 -17.54
CA LEU A 51 -5.28 5.55 -17.05
C LEU A 51 -4.56 6.01 -15.79
N VAL A 52 -4.22 5.09 -14.90
CA VAL A 52 -3.43 5.44 -13.72
C VAL A 52 -2.09 6.05 -14.12
N CYS A 53 -1.37 5.37 -15.02
CA CYS A 53 -0.05 5.87 -15.41
C CYS A 53 -0.14 7.20 -16.13
N TRP A 54 -1.15 7.36 -16.99
CA TRP A 54 -1.33 8.63 -17.70
C TRP A 54 -1.58 9.77 -16.72
N ALA A 55 -2.40 9.52 -15.70
CA ALA A 55 -2.70 10.56 -14.71
C ALA A 55 -1.44 11.00 -13.98
N VAL A 56 -0.62 10.05 -13.54
CA VAL A 56 0.59 10.42 -12.82
C VAL A 56 1.55 11.19 -13.73
N TRP A 57 1.70 10.74 -14.97
CA TRP A 57 2.56 11.44 -15.92
C TRP A 57 2.11 12.87 -16.14
N LEU A 58 0.79 13.11 -16.21
CA LEU A 58 0.28 14.42 -16.61
C LEU A 58 0.19 15.40 -15.44
N ASN A 59 -0.10 14.93 -14.23
CA ASN A 59 -0.42 15.80 -13.11
C ASN A 59 0.75 15.81 -12.13
N SER A 60 1.38 16.98 -11.98
N SER A 60 1.38 16.97 -11.98
CA SER A 60 2.49 17.12 -11.06
CA SER A 60 2.50 17.10 -11.06
C SER A 60 2.07 16.97 -9.61
C SER A 60 2.07 16.97 -9.61
N ASN A 61 0.78 17.17 -9.32
CA ASN A 61 0.30 16.99 -7.96
C ASN A 61 0.30 15.51 -7.56
N LEU A 62 0.38 14.61 -8.55
CA LEU A 62 0.44 13.18 -8.34
C LEU A 62 1.86 12.63 -8.44
N GLN A 63 2.85 13.49 -8.71
CA GLN A 63 4.22 13.03 -8.91
C GLN A 63 4.94 13.14 -7.56
N ASN A 64 4.86 12.07 -6.79
CA ASN A 64 5.54 11.93 -5.51
C ASN A 64 6.02 10.49 -5.39
N VAL A 65 6.85 10.23 -4.38
CA VAL A 65 7.46 8.90 -4.27
C VAL A 65 6.40 7.82 -4.13
N THR A 66 5.37 8.07 -3.30
CA THR A 66 4.30 7.09 -3.11
C THR A 66 3.70 6.64 -4.44
N ASN A 67 3.46 7.58 -5.34
CA ASN A 67 2.81 7.26 -6.61
C ASN A 67 3.76 6.64 -7.61
N TYR A 68 5.07 6.75 -7.42
CA TYR A 68 5.98 5.97 -8.25
C TYR A 68 5.84 4.49 -7.98
N PHE A 69 5.61 4.11 -6.73
CA PHE A 69 5.29 2.71 -6.43
C PHE A 69 3.92 2.33 -6.96
N VAL A 70 2.96 3.25 -6.91
CA VAL A 70 1.65 3.03 -7.52
C VAL A 70 1.80 2.77 -9.03
N VAL A 71 2.69 3.51 -9.69
CA VAL A 71 2.91 3.31 -11.12
C VAL A 71 3.58 1.98 -11.38
N SER A 72 4.58 1.62 -10.57
CA SER A 72 5.18 0.29 -10.68
C SER A 72 4.11 -0.78 -10.51
N LEU A 73 3.20 -0.57 -9.57
CA LEU A 73 2.11 -1.52 -9.35
C LEU A 73 1.16 -1.56 -10.55
N ALA A 74 0.86 -0.40 -11.14
CA ALA A 74 0.03 -0.38 -12.35
C ALA A 74 0.73 -1.02 -13.54
N ALA A 75 2.05 -0.89 -13.64
CA ALA A 75 2.78 -1.54 -14.73
C ALA A 75 2.68 -3.06 -14.62
N ALA A 76 2.79 -3.60 -13.40
CA ALA A 76 2.61 -5.04 -13.22
C ALA A 76 1.22 -5.48 -13.67
N ASP A 77 0.19 -4.67 -13.37
CA ASP A 77 -1.16 -5.05 -13.73
C ASP A 77 -1.41 -4.92 -15.23
N ILE A 78 -0.78 -3.94 -15.88
CA ILE A 78 -0.82 -3.85 -17.34
C ILE A 78 -0.24 -5.11 -17.96
N LEU A 79 0.87 -5.60 -17.42
CA LEU A 79 1.50 -6.80 -17.95
C LEU A 79 0.71 -8.07 -17.63
N VAL A 80 -0.12 -8.06 -16.58
CA VAL A 80 -1.06 -9.15 -16.39
C VAL A 80 -2.01 -9.24 -17.57
N GLY A 81 -2.49 -8.09 -18.05
CA GLY A 81 -3.41 -8.10 -19.18
C GLY A 81 -2.73 -8.45 -20.48
N VAL A 82 -1.53 -7.91 -20.71
CA VAL A 82 -0.86 -8.09 -22.00
C VAL A 82 -0.20 -9.47 -22.08
N LEU A 83 0.37 -9.97 -20.98
CA LEU A 83 1.16 -11.20 -21.05
C LEU A 83 0.63 -12.32 -20.16
N ALA A 84 0.37 -12.06 -18.88
CA ALA A 84 0.04 -13.16 -17.98
C ALA A 84 -1.29 -13.81 -18.33
N ILE A 85 -2.27 -13.03 -18.76
CA ILE A 85 -3.58 -13.60 -19.07
C ILE A 85 -3.49 -14.38 -20.38
N PRO A 86 -2.87 -13.85 -21.45
CA PRO A 86 -2.62 -14.70 -22.62
C PRO A 86 -1.84 -15.96 -22.28
N PHE A 87 -0.87 -15.89 -21.37
CA PHE A 87 -0.13 -17.09 -20.97
C PHE A 87 -1.04 -18.08 -20.24
N ALA A 88 -1.92 -17.58 -19.38
CA ALA A 88 -2.84 -18.47 -18.65
C ALA A 88 -3.79 -19.16 -19.60
N ILE A 89 -4.32 -18.44 -20.58
CA ILE A 89 -5.16 -19.05 -21.61
C ILE A 89 -4.40 -20.16 -22.32
N THR A 90 -3.15 -19.87 -22.72
CA THR A 90 -2.35 -20.85 -23.42
C THR A 90 -2.15 -22.12 -22.59
N ILE A 91 -1.75 -21.95 -21.33
CA ILE A 91 -1.42 -23.10 -20.49
C ILE A 91 -2.65 -23.87 -20.04
N SER A 92 -3.84 -23.32 -20.22
CA SER A 92 -5.07 -24.07 -19.95
C SER A 92 -5.37 -25.10 -21.04
N THR A 93 -4.77 -24.96 -22.23
CA THR A 93 -5.05 -25.90 -23.32
C THR A 93 -4.23 -27.17 -23.24
N GLY A 94 -3.17 -27.20 -22.43
CA GLY A 94 -2.32 -28.36 -22.37
C GLY A 94 -1.53 -28.63 -23.62
N PHE A 95 -1.28 -27.61 -24.43
CA PHE A 95 -0.62 -27.81 -25.73
C PHE A 95 0.79 -28.36 -25.54
N CYS A 96 1.27 -29.05 -26.58
CA CYS A 96 2.60 -29.64 -26.54
C CYS A 96 3.67 -28.56 -26.56
N ALA A 97 4.63 -28.63 -25.64
CA ALA A 97 5.66 -27.61 -25.53
C ALA A 97 6.90 -28.22 -24.90
N ALA A 98 8.06 -27.70 -25.31
CA ALA A 98 9.29 -27.95 -24.56
C ALA A 98 9.09 -27.51 -23.11
N CYS A 99 9.51 -28.37 -22.17
CA CYS A 99 9.12 -28.19 -20.77
C CYS A 99 9.59 -26.87 -20.19
N HIS A 100 10.81 -26.43 -20.53
CA HIS A 100 11.29 -25.18 -19.94
C HIS A 100 10.64 -23.95 -20.54
N GLY A 101 10.24 -24.01 -21.81
CA GLY A 101 9.40 -22.94 -22.34
C GLY A 101 8.05 -22.90 -21.67
N CYS A 102 7.45 -24.06 -21.45
CA CYS A 102 6.20 -24.14 -20.69
C CYS A 102 6.37 -23.56 -19.30
N LEU A 103 7.52 -23.81 -18.67
N LEU A 103 7.53 -23.78 -18.68
CA LEU A 103 7.80 -23.28 -17.34
CA LEU A 103 7.77 -23.28 -17.33
C LEU A 103 7.74 -21.76 -17.32
C LEU A 103 7.78 -21.76 -17.29
N PHE A 104 8.32 -21.12 -18.33
CA PHE A 104 8.34 -19.66 -18.37
C PHE A 104 6.92 -19.09 -18.47
N ILE A 105 6.11 -19.66 -19.37
N ILE A 105 6.07 -19.67 -19.32
CA ILE A 105 4.71 -19.29 -19.49
CA ILE A 105 4.72 -19.12 -19.42
C ILE A 105 4.01 -19.40 -18.15
C ILE A 105 3.88 -19.47 -18.20
N ALA A 106 4.28 -20.50 -17.44
CA ALA A 106 3.61 -20.77 -16.17
C ALA A 106 4.05 -19.78 -15.09
N CYS A 107 5.32 -19.41 -15.08
CA CYS A 107 5.89 -18.69 -13.95
C CYS A 107 5.91 -17.18 -14.11
N PHE A 108 5.73 -16.65 -15.32
CA PHE A 108 5.86 -15.21 -15.48
C PHE A 108 4.89 -14.46 -14.59
N VAL A 109 3.68 -15.01 -14.39
CA VAL A 109 2.70 -14.33 -13.53
C VAL A 109 3.22 -14.24 -12.11
N LEU A 110 4.06 -15.18 -11.69
CA LEU A 110 4.65 -15.12 -10.36
C LEU A 110 5.60 -13.93 -10.22
N VAL A 111 6.26 -13.56 -11.32
CA VAL A 111 7.09 -12.35 -11.31
C VAL A 111 6.22 -11.12 -11.07
N LEU A 112 5.09 -11.05 -11.78
CA LEU A 112 4.23 -9.89 -11.65
C LEU A 112 3.59 -9.82 -10.27
N ALA A 113 3.16 -10.97 -9.74
CA ALA A 113 2.60 -10.98 -8.38
C ALA A 113 3.66 -10.56 -7.37
N GLN A 114 4.89 -11.03 -7.55
CA GLN A 114 5.95 -10.69 -6.60
C GLN A 114 6.28 -9.21 -6.64
N SER A 115 6.35 -8.64 -7.86
CA SER A 115 6.58 -7.21 -7.99
C SER A 115 5.47 -6.42 -7.31
N SER A 116 4.22 -6.88 -7.45
CA SER A 116 3.10 -6.23 -6.80
C SER A 116 3.28 -6.22 -5.28
N ILE A 117 3.74 -7.35 -4.72
CA ILE A 117 3.94 -7.44 -3.28
C ILE A 117 4.99 -6.44 -2.82
N PHE A 118 6.10 -6.34 -3.56
CA PHE A 118 7.15 -5.38 -3.21
C PHE A 118 6.64 -3.95 -3.29
N SER A 119 5.84 -3.62 -4.32
CA SER A 119 5.29 -2.28 -4.41
C SER A 119 4.36 -1.99 -3.24
N LEU A 120 3.50 -2.95 -2.88
CA LEU A 120 2.57 -2.73 -1.77
C LEU A 120 3.31 -2.56 -0.45
N LEU A 121 4.37 -3.34 -0.23
CA LEU A 121 5.15 -3.19 0.99
C LEU A 121 5.84 -1.84 1.03
N ALA A 122 6.38 -1.40 -0.12
CA ALA A 122 7.05 -0.11 -0.18
C ALA A 122 6.07 1.03 0.13
N ILE A 123 4.85 0.94 -0.41
CA ILE A 123 3.85 1.97 -0.15
C ILE A 123 3.54 2.05 1.35
N ALA A 124 3.40 0.89 2.00
CA ALA A 124 3.12 0.89 3.43
C ALA A 124 4.28 1.53 4.19
N ILE A 125 5.52 1.16 3.86
CA ILE A 125 6.67 1.67 4.57
C ILE A 125 6.81 3.18 4.33
N ASP A 126 6.57 3.61 3.09
CA ASP A 126 6.62 5.04 2.77
C ASP A 126 5.64 5.83 3.63
N ARG A 127 4.40 5.34 3.75
CA ARG A 127 3.42 6.03 4.57
C ARG A 127 3.77 5.99 6.05
N TYR A 128 4.42 4.92 6.52
CA TYR A 128 4.86 4.89 7.91
C TYR A 128 5.94 5.92 8.18
N ILE A 129 6.92 6.03 7.27
CA ILE A 129 7.96 7.05 7.43
C ILE A 129 7.36 8.45 7.45
N ALA A 130 6.36 8.70 6.60
CA ALA A 130 5.78 10.03 6.53
C ALA A 130 5.05 10.40 7.82
N ILE A 131 4.40 9.43 8.48
CA ILE A 131 3.67 9.73 9.71
C ILE A 131 4.59 9.70 10.94
N ALA A 132 5.67 8.92 10.90
CA ALA A 132 6.47 8.71 12.10
C ALA A 132 7.64 9.67 12.19
N ILE A 133 8.23 10.03 11.06
CA ILE A 133 9.31 11.03 11.05
C ILE A 133 9.05 12.01 9.91
N PRO A 134 7.97 12.80 9.97
CA PRO A 134 7.68 13.71 8.85
C PRO A 134 8.76 14.74 8.62
N LEU A 135 9.57 15.03 9.65
CA LEU A 135 10.61 16.05 9.53
C LEU A 135 11.75 15.60 8.64
N ARG A 136 11.97 14.29 8.52
CA ARG A 136 13.07 13.76 7.73
C ARG A 136 12.59 12.97 6.53
N TYR A 137 11.28 12.94 6.26
CA TYR A 137 10.78 12.20 5.11
C TYR A 137 11.43 12.70 3.82
N ASN A 138 11.31 14.00 3.53
CA ASN A 138 11.78 14.49 2.23
C ASN A 138 13.28 14.28 2.05
N GLY A 139 14.05 14.31 3.14
CA GLY A 139 15.46 14.03 3.01
C GLY A 139 15.76 12.55 2.92
N LEU A 140 14.88 11.70 3.47
CA LEU A 140 15.09 10.27 3.43
C LEU A 140 14.51 9.63 2.17
N VAL A 141 13.31 10.06 1.78
CA VAL A 141 12.56 9.40 0.71
C VAL A 141 12.53 10.33 -0.49
N THR A 142 13.40 10.06 -1.47
CA THR A 142 13.60 10.87 -2.65
C THR A 142 13.21 10.10 -3.90
N GLY A 143 12.96 10.83 -5.00
CA GLY A 143 12.60 10.19 -6.24
C GLY A 143 13.67 9.24 -6.76
N THR A 144 14.94 9.64 -6.61
CA THR A 144 16.05 8.81 -7.07
C THR A 144 16.16 7.53 -6.26
N ARG A 145 15.94 7.61 -4.95
CA ARG A 145 15.98 6.39 -4.14
C ARG A 145 14.79 5.49 -4.45
N ALA A 146 13.60 6.08 -4.65
CA ALA A 146 12.45 5.27 -5.03
C ALA A 146 12.70 4.54 -6.35
N ALA A 147 13.27 5.23 -7.35
CA ALA A 147 13.47 4.60 -8.64
C ALA A 147 14.47 3.45 -8.56
N GLY A 148 15.51 3.61 -7.75
CA GLY A 148 16.44 2.52 -7.53
C GLY A 148 15.81 1.34 -6.84
N ILE A 149 15.00 1.59 -5.81
CA ILE A 149 14.30 0.52 -5.11
C ILE A 149 13.38 -0.22 -6.07
N ILE A 150 12.63 0.52 -6.89
CA ILE A 150 11.73 -0.11 -7.85
C ILE A 150 12.49 -1.00 -8.82
N ALA A 151 13.64 -0.51 -9.33
CA ALA A 151 14.45 -1.34 -10.22
C ALA A 151 14.93 -2.60 -9.51
N ILE A 152 15.42 -2.46 -8.29
CA ILE A 152 15.90 -3.61 -7.51
C ILE A 152 14.77 -4.61 -7.29
N CYS A 153 13.58 -4.12 -6.96
CA CYS A 153 12.46 -5.01 -6.65
C CYS A 153 12.04 -5.80 -7.88
N TRP A 154 12.09 -5.17 -9.07
CA TRP A 154 11.77 -5.90 -10.29
C TRP A 154 12.78 -7.01 -10.58
N VAL A 155 14.06 -6.75 -10.34
CA VAL A 155 15.07 -7.78 -10.52
C VAL A 155 14.81 -8.94 -9.56
N LEU A 156 14.51 -8.64 -8.29
CA LEU A 156 14.24 -9.70 -7.33
C LEU A 156 12.95 -10.44 -7.65
N SER A 157 11.96 -9.76 -8.20
N SER A 157 11.96 -9.77 -8.22
CA SER A 157 10.72 -10.44 -8.59
CA SER A 157 10.71 -10.44 -8.58
C SER A 157 10.97 -11.46 -9.68
C SER A 157 10.93 -11.44 -9.71
N PHE A 158 11.85 -11.14 -10.63
CA PHE A 158 12.19 -12.12 -11.66
C PHE A 158 12.92 -13.31 -11.04
N ALA A 159 13.84 -13.06 -10.12
CA ALA A 159 14.59 -14.15 -9.51
C ALA A 159 13.67 -15.05 -8.68
N ILE A 160 12.77 -14.45 -7.91
CA ILE A 160 11.83 -15.23 -7.11
C ILE A 160 10.84 -15.95 -8.00
N GLY A 161 10.22 -15.24 -8.94
CA GLY A 161 9.18 -15.83 -9.76
C GLY A 161 9.67 -16.85 -10.76
N LEU A 162 10.91 -16.71 -11.22
CA LEU A 162 11.48 -17.67 -12.16
C LEU A 162 12.40 -18.69 -11.50
N THR A 163 12.40 -18.74 -10.16
CA THR A 163 13.17 -19.77 -9.46
C THR A 163 12.92 -21.19 -9.98
N PRO A 164 11.71 -21.60 -10.37
CA PRO A 164 11.57 -22.92 -10.99
C PRO A 164 12.43 -23.13 -12.24
N MET A 165 12.71 -22.08 -12.99
N MET A 165 12.71 -22.07 -12.99
CA MET A 165 13.57 -22.20 -14.17
CA MET A 165 13.53 -22.20 -14.19
C MET A 165 15.02 -22.44 -13.80
C MET A 165 14.95 -22.64 -13.87
N LEU A 166 15.39 -22.33 -12.52
N LEU A 166 15.43 -22.32 -12.66
CA LEU A 166 16.73 -22.62 -12.05
CA LEU A 166 16.79 -22.68 -12.28
C LEU A 166 16.88 -24.07 -11.59
C LEU A 166 16.95 -24.17 -11.99
N GLY A 167 15.85 -24.90 -11.80
CA GLY A 167 15.93 -26.32 -11.56
C GLY A 167 14.90 -26.86 -10.58
N TRP A 168 14.19 -25.98 -9.88
CA TRP A 168 13.15 -26.43 -8.96
C TRP A 168 11.87 -26.59 -9.77
N ASN A 169 11.80 -27.68 -10.53
CA ASN A 169 10.72 -27.90 -11.46
C ASN A 169 10.52 -29.40 -11.65
N ASN A 170 9.45 -29.76 -12.34
CA ASN A 170 9.15 -31.16 -12.63
C ASN A 170 9.54 -31.59 -14.04
N CYS A 171 10.44 -30.86 -14.69
CA CYS A 171 10.81 -31.22 -16.05
C CYS A 171 11.60 -32.51 -16.09
N GLY A 172 12.28 -32.86 -14.99
CA GLY A 172 12.98 -34.14 -14.93
C GLY A 172 12.07 -35.35 -14.89
N GLN A 173 10.80 -35.17 -14.51
CA GLN A 173 9.85 -36.27 -14.41
C GLN A 173 8.59 -35.99 -15.22
N PRO A 174 8.70 -35.88 -16.54
CA PRO A 174 7.53 -35.54 -17.36
C PRO A 174 6.46 -36.63 -17.30
N LYS A 175 5.20 -36.22 -17.43
CA LYS A 175 4.11 -37.17 -17.60
C LYS A 175 4.12 -37.67 -19.04
N GLU A 176 4.84 -38.76 -19.29
CA GLU A 176 5.01 -39.24 -20.66
C GLU A 176 3.71 -39.78 -21.24
N GLY A 177 2.86 -40.40 -20.42
CA GLY A 177 1.61 -40.93 -20.93
C GLY A 177 0.67 -39.82 -21.39
N LYS A 178 0.64 -38.71 -20.65
CA LYS A 178 -0.19 -37.59 -21.09
C LYS A 178 0.41 -36.97 -22.35
N ALA A 179 1.73 -36.85 -22.39
CA ALA A 179 2.42 -36.32 -23.56
C ALA A 179 2.23 -37.22 -24.79
N HIS A 180 2.36 -38.54 -24.62
CA HIS A 180 2.19 -39.43 -25.76
C HIS A 180 0.75 -39.40 -26.28
N SER A 181 -0.23 -39.28 -25.38
CA SER A 181 -1.62 -39.30 -25.80
C SER A 181 -1.98 -38.06 -26.62
N GLN A 182 -1.29 -36.95 -26.38
CA GLN A 182 -1.51 -35.71 -27.11
C GLN A 182 -0.65 -35.60 -28.35
N GLY A 183 0.09 -36.64 -28.69
CA GLY A 183 0.94 -36.59 -29.87
C GLY A 183 2.13 -35.66 -29.73
N CYS A 184 2.54 -35.34 -28.51
CA CYS A 184 3.66 -34.44 -28.32
C CYS A 184 4.94 -35.09 -28.85
N GLY A 185 5.87 -34.25 -29.27
CA GLY A 185 7.11 -34.78 -29.79
C GLY A 185 8.06 -35.13 -28.66
N GLU A 186 9.23 -35.62 -29.04
CA GLU A 186 10.20 -36.03 -28.04
C GLU A 186 10.78 -34.78 -27.37
N GLY A 187 10.94 -34.86 -26.05
CA GLY A 187 11.35 -33.72 -25.25
C GLY A 187 10.27 -32.71 -24.97
N GLN A 188 9.03 -32.98 -25.37
CA GLN A 188 7.90 -32.08 -25.12
C GLN A 188 6.98 -32.68 -24.07
N VAL A 189 6.25 -31.80 -23.39
CA VAL A 189 5.23 -32.19 -22.42
C VAL A 189 3.93 -31.49 -22.77
N ALA A 190 2.83 -32.05 -22.28
CA ALA A 190 1.58 -31.29 -22.24
C ALA A 190 1.76 -30.13 -21.26
N CYS A 191 1.61 -28.91 -21.75
CA CYS A 191 1.95 -27.73 -20.95
C CYS A 191 0.80 -27.41 -20.02
N LEU A 192 0.92 -27.86 -18.78
CA LEU A 192 -0.06 -27.67 -17.73
C LEU A 192 0.64 -27.17 -16.47
N PHE A 193 0.08 -26.14 -15.84
CA PHE A 193 0.74 -25.48 -14.71
C PHE A 193 1.19 -26.49 -13.66
N GLU A 194 0.27 -27.33 -13.17
CA GLU A 194 0.61 -28.22 -12.07
C GLU A 194 1.47 -29.40 -12.50
N ASP A 195 1.65 -29.62 -13.80
CA ASP A 195 2.57 -30.66 -14.23
C ASP A 195 4.03 -30.20 -14.22
N VAL A 196 4.29 -28.90 -14.38
CA VAL A 196 5.66 -28.41 -14.49
C VAL A 196 6.12 -27.63 -13.25
N VAL A 197 5.24 -26.94 -12.55
CA VAL A 197 5.60 -26.14 -11.39
C VAL A 197 5.41 -27.02 -10.13
N PRO A 198 6.45 -27.24 -9.33
CA PRO A 198 6.28 -28.10 -8.16
C PRO A 198 5.35 -27.49 -7.13
N MET A 199 4.52 -28.33 -6.52
CA MET A 199 3.57 -27.84 -5.52
C MET A 199 4.27 -27.39 -4.24
N ASN A 200 5.45 -27.96 -3.92
CA ASN A 200 6.16 -27.54 -2.72
C ASN A 200 6.75 -26.15 -2.91
N TYR A 201 7.21 -25.84 -4.13
CA TYR A 201 7.57 -24.47 -4.46
C TYR A 201 6.40 -23.52 -4.25
N MET A 202 5.24 -23.87 -4.83
CA MET A 202 4.09 -22.95 -4.76
C MET A 202 3.62 -22.71 -3.33
N VAL A 203 3.69 -23.72 -2.48
CA VAL A 203 3.17 -23.59 -1.13
C VAL A 203 4.23 -23.04 -0.18
N TYR A 204 5.41 -23.67 -0.10
CA TYR A 204 6.38 -23.25 0.90
C TYR A 204 7.15 -22.00 0.47
N PHE A 205 7.60 -21.95 -0.77
CA PHE A 205 8.46 -20.87 -1.22
C PHE A 205 7.63 -19.68 -1.68
N ASN A 206 6.75 -19.90 -2.66
CA ASN A 206 6.01 -18.77 -3.21
C ASN A 206 4.97 -18.25 -2.20
N PHE A 207 4.10 -19.13 -1.69
CA PHE A 207 3.01 -18.67 -0.84
C PHE A 207 3.52 -18.26 0.53
N PHE A 208 4.04 -19.21 1.31
CA PHE A 208 4.38 -18.92 2.70
C PHE A 208 5.45 -17.85 2.80
N ALA A 209 6.59 -18.07 2.11
CA ALA A 209 7.74 -17.19 2.26
C ALA A 209 7.55 -15.88 1.51
N CYS A 210 7.11 -15.95 0.25
CA CYS A 210 7.15 -14.79 -0.63
C CYS A 210 5.84 -14.00 -0.67
N VAL A 211 4.74 -14.54 -0.16
CA VAL A 211 3.46 -13.87 -0.21
C VAL A 211 2.93 -13.64 1.19
N LEU A 212 2.80 -14.71 1.97
N LEU A 212 2.80 -14.71 1.97
CA LEU A 212 2.18 -14.61 3.29
CA LEU A 212 2.19 -14.62 3.29
C LEU A 212 3.01 -13.75 4.24
C LEU A 212 3.02 -13.73 4.21
N VAL A 213 4.32 -13.99 4.30
CA VAL A 213 5.18 -13.20 5.19
C VAL A 213 5.18 -11.73 4.82
N PRO A 214 5.36 -11.31 3.56
CA PRO A 214 5.26 -9.88 3.26
C PRO A 214 3.91 -9.27 3.57
N LEU A 215 2.80 -9.97 3.32
CA LEU A 215 1.49 -9.42 3.67
C LEU A 215 1.35 -9.24 5.18
N LEU A 216 1.84 -10.20 5.96
CA LEU A 216 1.80 -10.05 7.41
C LEU A 216 2.68 -8.89 7.87
N LEU A 217 3.83 -8.70 7.24
CA LEU A 217 4.65 -7.52 7.52
C LEU A 217 3.88 -6.24 7.21
N MET A 218 3.17 -6.23 6.08
CA MET A 218 2.34 -5.06 5.72
C MET A 218 1.31 -4.78 6.80
N LEU A 219 0.63 -5.84 7.27
CA LEU A 219 -0.34 -5.68 8.34
C LEU A 219 0.30 -5.04 9.56
N GLY A 220 1.50 -5.51 9.93
CA GLY A 220 2.19 -4.91 11.06
C GLY A 220 2.54 -3.45 10.85
N VAL A 221 2.99 -3.10 9.64
CA VAL A 221 3.29 -1.70 9.33
C VAL A 221 2.03 -0.85 9.43
N TYR A 222 0.92 -1.32 8.86
CA TYR A 222 -0.32 -0.56 8.92
C TYR A 222 -0.82 -0.41 10.35
N LEU A 223 -0.69 -1.47 11.16
CA LEU A 223 -1.05 -1.33 12.58
C LEU A 223 -0.23 -0.24 13.25
N ARG A 224 1.08 -0.18 12.97
CA ARG A 224 1.90 0.88 13.55
C ARG A 224 1.51 2.25 13.01
N ILE A 225 1.17 2.33 11.72
CA ILE A 225 0.75 3.62 11.15
C ILE A 225 -0.50 4.13 11.87
N PHE A 226 -1.53 3.30 11.99
CA PHE A 226 -2.77 3.76 12.58
C PHE A 226 -2.60 4.03 14.08
N ALA A 227 -1.79 3.22 14.76
CA ALA A 227 -1.52 3.49 16.17
C ALA A 227 -0.71 4.77 16.36
N ALA A 228 0.24 5.04 15.48
CA ALA A 228 1.00 6.28 15.58
C ALA A 228 0.12 7.50 15.32
N ALA A 229 -0.77 7.42 14.32
CA ALA A 229 -1.69 8.53 14.08
C ALA A 229 -2.59 8.81 15.28
N ARG A 230 -3.15 7.75 15.88
CA ARG A 230 -4.03 7.92 17.03
C ARG A 230 -3.30 8.57 18.20
N ARG A 231 -2.06 8.17 18.42
CA ARG A 231 -1.28 8.72 19.51
C ARG A 231 -1.01 10.19 19.24
N GLN A 232 -0.71 10.54 18.00
CA GLN A 232 -0.39 11.94 17.74
C GLN A 232 -1.61 12.85 17.89
N LEU A 233 -2.80 12.41 17.47
CA LEU A 233 -4.01 13.19 17.70
C LEU A 233 -4.33 13.30 19.21
N ALA A 234 -4.18 12.19 19.95
CA ALA A 234 -4.40 12.29 21.40
C ALA A 234 -3.46 13.29 22.03
N ASP A 235 -2.20 13.29 21.59
CA ASP A 235 -1.21 14.25 22.08
C ASP A 235 -1.58 15.69 21.74
N LEU A 236 -2.14 15.91 20.54
CA LEU A 236 -2.57 17.25 20.15
C LEU A 236 -3.65 17.77 21.09
N GLU A 237 -4.67 16.94 21.36
CA GLU A 237 -5.76 17.34 22.23
C GLU A 237 -5.29 17.49 23.67
N ASP A 238 -4.31 16.67 24.08
CA ASP A 238 -3.75 16.76 25.43
C ASP A 238 -3.04 18.08 25.60
N ASN A 239 -2.31 18.52 24.57
CA ASN A 239 -1.61 19.79 24.65
C ASN A 239 -2.58 20.96 24.67
N TRP A 240 -3.70 20.83 23.94
CA TRP A 240 -4.75 21.85 23.96
C TRP A 240 -5.42 21.93 25.32
N GLU A 241 -5.79 20.77 25.89
CA GLU A 241 -6.42 20.77 27.20
C GLU A 241 -5.47 21.26 28.29
N THR A 242 -4.21 20.81 28.25
CA THR A 242 -3.23 21.26 29.23
C THR A 242 -3.05 22.77 29.19
N LEU A 243 -3.02 23.34 27.98
CA LEU A 243 -2.90 24.78 27.84
C LEU A 243 -4.10 25.46 28.51
N ASN A 244 -5.32 25.00 28.20
CA ASN A 244 -6.54 25.65 28.71
C ASN A 244 -6.73 25.38 30.19
N ASP A 245 -6.39 24.17 30.66
CA ASP A 245 -6.47 23.88 32.09
C ASP A 245 -5.57 24.82 32.88
N ASN A 246 -4.33 24.97 32.45
CA ASN A 246 -3.38 25.78 33.21
C ASN A 246 -3.78 27.25 33.18
N LEU A 247 -4.45 27.70 32.12
CA LEU A 247 -5.03 29.05 32.13
C LEU A 247 -6.05 29.19 33.25
N LYS A 248 -6.91 28.17 33.43
CA LYS A 248 -7.89 28.19 34.51
C LYS A 248 -7.22 28.19 35.88
N VAL A 249 -6.16 27.40 36.04
CA VAL A 249 -5.42 27.35 37.30
C VAL A 249 -4.90 28.74 37.67
N ILE A 250 -4.35 29.47 36.69
CA ILE A 250 -3.82 30.80 36.95
C ILE A 250 -4.94 31.75 37.38
N GLU A 251 -6.09 31.64 36.71
CA GLU A 251 -7.21 32.54 37.00
C GLU A 251 -7.68 32.42 38.44
N LYS A 252 -7.74 31.19 38.97
CA LYS A 252 -8.23 30.98 40.33
C LYS A 252 -7.09 30.74 41.31
N ALA A 253 -5.86 31.10 40.94
CA ALA A 253 -4.78 31.11 41.90
C ALA A 253 -4.96 32.23 42.92
N ASP A 254 -4.40 32.04 44.11
CA ASP A 254 -4.47 33.05 45.17
C ASP A 254 -3.10 33.53 45.63
N ASN A 255 -2.01 33.01 45.05
CA ASN A 255 -0.68 33.53 45.33
C ASN A 255 0.17 33.45 44.07
N ALA A 256 1.30 34.14 44.11
CA ALA A 256 2.19 34.22 42.95
C ALA A 256 2.87 32.89 42.64
N ALA A 257 3.09 32.04 43.65
CA ALA A 257 3.77 30.77 43.41
C ALA A 257 2.94 29.80 42.57
N GLN A 258 1.61 29.79 42.75
CA GLN A 258 0.77 28.93 41.93
C GLN A 258 0.77 29.39 40.47
N VAL A 259 0.71 30.69 40.23
CA VAL A 259 0.81 31.20 38.88
C VAL A 259 2.12 30.77 38.22
N LYS A 260 3.23 30.86 38.97
CA LYS A 260 4.52 30.48 38.38
C LYS A 260 4.53 29.01 37.97
N ASP A 261 4.06 28.12 38.86
CA ASP A 261 4.05 26.70 38.52
C ASP A 261 3.31 26.45 37.21
N ALA A 262 2.11 27.00 37.07
CA ALA A 262 1.34 26.73 35.87
C ALA A 262 2.00 27.36 34.65
N LEU A 263 2.60 28.54 34.81
CA LEU A 263 3.25 29.17 33.66
C LEU A 263 4.48 28.39 33.25
N THR A 264 5.19 27.82 34.23
N THR A 264 5.19 27.83 34.24
CA THR A 264 6.36 27.00 33.91
CA THR A 264 6.36 27.00 33.95
C THR A 264 5.96 25.75 33.15
C THR A 264 5.96 25.75 33.17
N LYS A 265 4.85 25.11 33.54
CA LYS A 265 4.37 23.96 32.78
C LYS A 265 3.82 24.39 31.43
N MET A 266 3.26 25.58 31.34
CA MET A 266 2.79 26.10 30.04
C MET A 266 3.96 26.37 29.11
N ARG A 267 5.06 26.88 29.65
CA ARG A 267 6.18 27.27 28.78
C ARG A 267 6.82 26.03 28.16
N ALA A 268 7.05 24.99 28.95
CA ALA A 268 7.58 23.75 28.41
C ALA A 268 6.63 23.12 27.40
N ALA A 269 5.33 23.27 27.60
CA ALA A 269 4.37 22.72 26.64
C ALA A 269 4.36 23.52 25.35
N ALA A 270 4.52 24.85 25.45
CA ALA A 270 4.53 25.69 24.25
C ALA A 270 5.68 25.32 23.33
N LEU A 271 6.88 25.12 23.89
CA LEU A 271 8.01 24.68 23.09
C LEU A 271 7.81 23.28 22.52
N ASP A 272 7.09 22.41 23.23
CA ASP A 272 6.83 21.07 22.73
C ASP A 272 5.90 21.09 21.52
N ALA A 273 4.93 22.00 21.52
CA ALA A 273 4.03 22.19 20.37
C ALA A 273 4.67 22.98 19.25
N GLN A 274 5.79 23.66 19.51
CA GLN A 274 6.49 24.39 18.47
C GLN A 274 7.32 23.48 17.57
N LYS A 275 7.79 22.35 18.08
CA LYS A 275 8.55 21.42 17.27
C LYS A 275 7.71 20.20 16.89
N LYS A 292 5.06 30.49 9.07
CA LYS A 292 5.58 31.80 9.51
C LYS A 292 4.59 32.47 10.45
N ASP A 293 3.31 32.41 10.12
CA ASP A 293 2.30 32.90 11.05
C ASP A 293 2.16 31.95 12.22
N PHE A 294 2.43 30.66 11.99
CA PHE A 294 2.57 29.69 13.07
C PHE A 294 3.72 30.07 14.00
N ARG A 295 4.91 30.33 13.43
CA ARG A 295 6.06 30.67 14.25
C ARG A 295 5.81 31.97 14.99
N HIS A 296 5.16 32.94 14.33
CA HIS A 296 4.83 34.19 14.99
C HIS A 296 3.92 33.95 16.17
N GLY A 297 2.90 33.10 15.99
CA GLY A 297 1.99 32.80 17.07
C GLY A 297 2.70 32.22 18.29
N PHE A 298 3.62 31.28 18.06
CA PHE A 298 4.35 30.70 19.18
C PHE A 298 5.37 31.68 19.75
N ASP A 299 5.90 32.59 18.93
CA ASP A 299 6.79 33.62 19.45
C ASP A 299 6.04 34.53 20.41
N ILE A 300 4.82 34.95 20.04
CA ILE A 300 3.97 35.70 20.95
C ILE A 300 3.67 34.88 22.20
N LEU A 301 3.33 33.60 22.02
CA LEU A 301 2.89 32.78 23.14
C LEU A 301 3.98 32.64 24.19
N VAL A 302 5.18 32.24 23.77
CA VAL A 302 6.28 32.09 24.71
C VAL A 302 6.63 33.43 25.36
N GLY A 303 6.64 34.50 24.55
CA GLY A 303 6.92 35.82 25.10
C GLY A 303 5.90 36.26 26.12
N GLN A 304 4.61 35.99 25.86
CA GLN A 304 3.59 36.38 26.82
C GLN A 304 3.66 35.52 28.08
N ILE A 305 4.10 34.27 27.95
CA ILE A 305 4.34 33.44 29.12
C ILE A 305 5.52 33.96 29.93
N ASP A 306 6.61 34.33 29.26
CA ASP A 306 7.75 34.91 29.98
C ASP A 306 7.38 36.20 30.68
N ASP A 307 6.58 37.07 30.04
CA ASP A 307 6.14 38.29 30.69
C ASP A 307 5.41 37.97 31.99
N ALA A 308 4.47 37.03 31.95
CA ALA A 308 3.70 36.69 33.13
C ALA A 308 4.58 35.98 34.16
N LEU A 309 5.54 35.17 33.69
N LEU A 309 5.54 35.17 33.69
CA LEU A 309 6.44 34.47 34.60
CA LEU A 309 6.44 34.48 34.60
C LEU A 309 7.35 35.46 35.35
C LEU A 309 7.30 35.48 35.36
N LYS A 310 7.73 36.56 34.71
CA LYS A 310 8.60 37.52 35.37
C LYS A 310 7.81 38.25 36.46
N LEU A 311 6.56 38.62 36.16
CA LEU A 311 5.71 39.25 37.17
C LEU A 311 5.42 38.30 38.32
N ALA A 312 5.15 37.03 38.01
CA ALA A 312 4.90 36.04 39.07
C ALA A 312 6.08 36.00 40.05
N ASN A 313 7.31 35.94 39.51
CA ASN A 313 8.50 35.89 40.37
C ASN A 313 8.71 37.16 41.17
N GLU A 314 8.14 38.30 40.76
CA GLU A 314 8.17 39.49 41.60
C GLU A 314 7.07 39.50 42.63
N GLY A 315 6.27 38.42 42.70
CA GLY A 315 5.16 38.35 43.63
C GLY A 315 3.96 39.20 43.30
N LYS A 316 3.82 39.64 42.05
CA LYS A 316 2.68 40.45 41.62
C LYS A 316 1.66 39.52 40.96
N VAL A 317 0.83 38.90 41.80
CA VAL A 317 -0.06 37.83 41.33
C VAL A 317 -1.13 38.39 40.40
N LYS A 318 -1.93 39.35 40.90
CA LYS A 318 -2.99 39.96 40.09
C LYS A 318 -2.47 40.48 38.76
N GLU A 319 -1.33 41.16 38.81
CA GLU A 319 -0.77 41.72 37.59
C GLU A 319 -0.33 40.60 36.65
N ALA A 320 0.17 39.50 37.22
CA ALA A 320 0.57 38.33 36.44
C ALA A 320 -0.64 37.63 35.84
N GLN A 321 -1.74 37.53 36.60
CA GLN A 321 -2.95 36.91 36.08
C GLN A 321 -3.52 37.72 34.93
N ALA A 322 -3.42 39.05 35.00
CA ALA A 322 -3.87 39.86 33.87
C ALA A 322 -2.98 39.64 32.65
N ALA A 323 -1.66 39.56 32.85
CA ALA A 323 -0.77 39.23 31.75
C ALA A 323 -1.14 37.88 31.12
N ALA A 324 -1.54 36.92 31.95
CA ALA A 324 -1.84 35.58 31.43
C ALA A 324 -3.15 35.57 30.67
N GLU A 325 -4.07 36.49 30.98
CA GLU A 325 -5.30 36.57 30.21
C GLU A 325 -5.04 36.93 28.76
N GLN A 326 -3.94 37.66 28.49
CA GLN A 326 -3.58 37.98 27.13
C GLN A 326 -3.32 36.73 26.30
N LEU A 327 -2.86 35.65 26.95
CA LEU A 327 -2.60 34.39 26.26
C LEU A 327 -3.82 33.91 25.49
N LYS A 328 -5.02 34.24 25.96
CA LYS A 328 -6.23 33.75 25.30
C LYS A 328 -6.39 34.39 23.93
N THR A 329 -6.04 35.67 23.81
CA THR A 329 -6.07 36.31 22.49
C THR A 329 -5.12 35.60 21.53
N THR A 330 -3.93 35.24 22.00
CA THR A 330 -2.97 34.52 21.16
C THR A 330 -3.48 33.11 20.84
N ARG A 331 -4.06 32.45 21.84
CA ARG A 331 -4.62 31.10 21.64
C ARG A 331 -5.69 31.10 20.56
N ASN A 332 -6.59 32.09 20.59
CA ASN A 332 -7.69 32.14 19.64
C ASN A 332 -7.22 32.47 18.22
N ALA A 333 -6.34 33.47 18.09
CA ALA A 333 -5.93 33.99 16.79
C ALA A 333 -4.93 33.08 16.07
N TYR A 334 -4.15 32.30 16.83
CA TYR A 334 -3.05 31.49 16.31
C TYR A 334 -3.19 30.02 16.68
N ILE A 335 -3.21 29.69 17.96
CA ILE A 335 -3.02 28.30 18.39
C ILE A 335 -4.15 27.41 17.87
N GLN A 336 -5.39 27.89 17.87
CA GLN A 336 -6.48 27.02 17.40
C GLN A 336 -6.31 26.69 15.92
N LYS A 337 -5.82 27.64 15.13
CA LYS A 337 -5.52 27.34 13.73
C LYS A 337 -4.39 26.34 13.58
N TYR A 338 -3.36 26.44 14.41
CA TYR A 338 -2.29 25.45 14.35
C TYR A 338 -2.81 24.06 14.69
N LEU A 339 -3.56 23.96 15.79
CA LEU A 339 -4.17 22.71 16.20
C LEU A 339 -5.07 22.11 15.11
N GLU A 340 -5.95 22.92 14.54
CA GLU A 340 -6.89 22.42 13.53
C GLU A 340 -6.19 22.01 12.26
N ARG A 341 -5.15 22.74 11.83
CA ARG A 341 -4.46 22.35 10.62
C ARG A 341 -3.68 21.06 10.85
N ALA A 342 -3.05 20.93 12.01
CA ALA A 342 -2.35 19.69 12.32
C ALA A 342 -3.30 18.51 12.38
N ARG A 343 -4.46 18.68 13.03
CA ARG A 343 -5.46 17.62 13.05
C ARG A 343 -5.94 17.26 11.64
N SER A 344 -6.19 18.26 10.80
CA SER A 344 -6.68 17.97 9.44
C SER A 344 -5.63 17.26 8.60
N THR A 345 -4.36 17.62 8.78
CA THR A 345 -3.27 16.95 8.07
C THR A 345 -3.13 15.51 8.53
N LEU A 346 -3.18 15.30 9.84
CA LEU A 346 -3.08 13.96 10.38
C LEU A 346 -4.24 13.08 9.90
N GLN A 347 -5.46 13.63 9.85
CA GLN A 347 -6.61 12.85 9.38
C GLN A 347 -6.48 12.48 7.91
N LYS A 348 -5.87 13.34 7.10
CA LYS A 348 -5.64 13.03 5.69
C LYS A 348 -4.64 11.89 5.55
N GLU A 349 -3.63 11.85 6.43
CA GLU A 349 -2.70 10.74 6.42
C GLU A 349 -3.40 9.44 6.80
N VAL A 350 -4.30 9.50 7.80
CA VAL A 350 -5.11 8.32 8.11
C VAL A 350 -5.91 7.91 6.89
N HIS A 351 -6.50 8.88 6.18
CA HIS A 351 -7.30 8.57 4.99
C HIS A 351 -6.46 7.95 3.89
N ALA A 352 -5.25 8.46 3.69
CA ALA A 352 -4.40 7.89 2.65
C ALA A 352 -3.91 6.50 3.05
N ALA A 353 -3.61 6.29 4.34
CA ALA A 353 -3.19 4.97 4.78
C ALA A 353 -4.30 3.93 4.69
N LYS A 354 -5.56 4.30 4.96
CA LYS A 354 -6.69 3.39 4.81
C LYS A 354 -6.86 2.99 3.35
N SER A 355 -6.73 3.96 2.45
CA SER A 355 -6.83 3.68 1.02
C SER A 355 -5.74 2.71 0.57
N ALA A 356 -4.50 2.95 1.02
CA ALA A 356 -3.42 2.03 0.67
C ALA A 356 -3.67 0.65 1.25
N ALA A 357 -4.18 0.60 2.49
CA ALA A 357 -4.46 -0.69 3.12
C ALA A 357 -5.58 -1.44 2.39
N ILE A 358 -6.58 -0.73 1.88
CA ILE A 358 -7.62 -1.38 1.10
C ILE A 358 -7.03 -2.06 -0.12
N ILE A 359 -6.08 -1.40 -0.77
CA ILE A 359 -5.41 -1.99 -1.93
C ILE A 359 -4.69 -3.27 -1.53
N ALA A 360 -3.97 -3.24 -0.41
CA ALA A 360 -3.25 -4.42 0.05
C ALA A 360 -4.21 -5.53 0.46
N GLY A 361 -5.31 -5.18 1.12
CA GLY A 361 -6.27 -6.20 1.50
C GLY A 361 -6.98 -6.83 0.32
N LEU A 362 -7.24 -6.03 -0.72
CA LEU A 362 -7.87 -6.57 -1.92
C LEU A 362 -6.92 -7.49 -2.67
N PHE A 363 -5.63 -7.19 -2.67
CA PHE A 363 -4.66 -8.12 -3.24
C PHE A 363 -4.75 -9.46 -2.51
N ALA A 364 -4.78 -9.42 -1.17
CA ALA A 364 -4.89 -10.65 -0.40
C ALA A 364 -6.19 -11.38 -0.68
N LEU A 365 -7.30 -10.63 -0.78
CA LEU A 365 -8.60 -11.27 -1.01
C LEU A 365 -8.62 -12.01 -2.35
N CYS A 366 -8.00 -11.41 -3.37
CA CYS A 366 -8.07 -11.97 -4.71
C CYS A 366 -7.12 -13.14 -4.92
N TRP A 367 -5.98 -13.15 -4.22
CA TRP A 367 -4.98 -14.19 -4.41
C TRP A 367 -5.09 -15.34 -3.43
N LEU A 368 -5.63 -15.10 -2.23
CA LEU A 368 -5.66 -16.18 -1.24
C LEU A 368 -6.43 -17.41 -1.70
N PRO A 369 -7.57 -17.32 -2.40
CA PRO A 369 -8.28 -18.56 -2.76
C PRO A 369 -7.42 -19.52 -3.57
N LEU A 370 -6.69 -19.01 -4.57
CA LEU A 370 -5.83 -19.89 -5.37
C LEU A 370 -4.73 -20.51 -4.52
N HIS A 371 -4.10 -19.71 -3.65
CA HIS A 371 -3.06 -20.24 -2.76
C HIS A 371 -3.64 -21.26 -1.79
N ILE A 372 -4.80 -20.98 -1.22
CA ILE A 372 -5.43 -21.92 -0.29
C ILE A 372 -5.75 -23.24 -0.98
N ILE A 373 -6.28 -23.16 -2.21
CA ILE A 373 -6.54 -24.38 -2.97
C ILE A 373 -5.25 -25.17 -3.18
N ASN A 374 -4.15 -24.48 -3.53
CA ASN A 374 -2.87 -25.16 -3.66
C ASN A 374 -2.48 -25.85 -2.35
N CYS A 375 -2.80 -25.23 -1.21
CA CYS A 375 -2.49 -25.85 0.07
C CYS A 375 -3.27 -27.15 0.25
N PHE A 376 -4.55 -27.15 -0.14
CA PHE A 376 -5.34 -28.39 -0.07
C PHE A 376 -4.76 -29.46 -0.98
N THR A 377 -4.38 -29.09 -2.20
CA THR A 377 -3.82 -30.07 -3.13
C THR A 377 -2.56 -30.68 -2.54
N PHE A 378 -1.72 -29.85 -1.92
CA PHE A 378 -0.41 -30.25 -1.44
C PHE A 378 -0.51 -31.01 -0.13
N PHE A 379 -1.22 -30.45 0.85
CA PHE A 379 -1.24 -31.00 2.20
C PHE A 379 -2.24 -32.12 2.39
N CYS A 380 -3.23 -32.26 1.50
CA CYS A 380 -4.27 -33.28 1.63
C CYS A 380 -4.30 -34.14 0.37
N PRO A 381 -3.29 -35.01 0.19
CA PRO A 381 -3.31 -35.91 -0.97
C PRO A 381 -4.41 -36.97 -0.89
N ASP A 382 -5.02 -37.15 0.28
CA ASP A 382 -6.20 -37.98 0.42
C ASP A 382 -7.48 -37.25 0.02
N CYS A 383 -7.44 -35.93 -0.18
CA CYS A 383 -8.59 -35.17 -0.64
C CYS A 383 -8.66 -35.19 -2.16
N SER A 384 -9.89 -35.24 -2.69
CA SER A 384 -10.07 -35.06 -4.12
C SER A 384 -9.62 -33.68 -4.54
N HIS A 385 -8.97 -33.60 -5.70
CA HIS A 385 -8.52 -32.31 -6.21
C HIS A 385 -9.72 -31.39 -6.40
N ALA A 386 -9.54 -30.12 -6.06
CA ALA A 386 -10.53 -29.10 -6.37
C ALA A 386 -10.96 -29.22 -7.83
N PRO A 387 -12.25 -29.12 -8.13
CA PRO A 387 -12.71 -29.32 -9.50
C PRO A 387 -12.22 -28.22 -10.42
N LEU A 388 -12.25 -28.52 -11.72
CA LEU A 388 -11.67 -27.62 -12.71
C LEU A 388 -12.38 -26.27 -12.73
N TRP A 389 -13.71 -26.26 -12.59
CA TRP A 389 -14.43 -24.99 -12.59
C TRP A 389 -14.00 -24.09 -11.44
N LEU A 390 -13.67 -24.68 -10.29
CA LEU A 390 -13.24 -23.88 -9.16
C LEU A 390 -11.82 -23.38 -9.36
N MET A 391 -10.96 -24.22 -9.96
CA MET A 391 -9.64 -23.79 -10.37
C MET A 391 -9.74 -22.55 -11.24
N TYR A 392 -10.66 -22.57 -12.22
CA TYR A 392 -10.69 -21.45 -13.16
C TYR A 392 -11.32 -20.22 -12.51
N LEU A 393 -12.25 -20.42 -11.58
CA LEU A 393 -12.77 -19.31 -10.79
C LEU A 393 -11.66 -18.67 -9.95
N ALA A 394 -10.81 -19.49 -9.34
CA ALA A 394 -9.75 -18.95 -8.51
C ALA A 394 -8.70 -18.24 -9.35
N ILE A 395 -8.46 -18.73 -10.57
CA ILE A 395 -7.52 -18.08 -11.48
C ILE A 395 -8.07 -16.73 -11.93
N VAL A 396 -9.34 -16.71 -12.36
N VAL A 396 -9.33 -16.70 -12.37
CA VAL A 396 -9.96 -15.48 -12.83
CA VAL A 396 -9.87 -15.43 -12.84
C VAL A 396 -10.02 -14.45 -11.70
C VAL A 396 -9.99 -14.43 -11.69
N LEU A 397 -10.29 -14.91 -10.48
CA LEU A 397 -10.35 -14.00 -9.34
C LEU A 397 -8.99 -13.34 -9.09
N SER A 398 -7.92 -14.12 -9.13
CA SER A 398 -6.60 -13.53 -8.95
C SER A 398 -6.31 -12.48 -10.01
N HIS A 399 -6.81 -12.69 -11.23
CA HIS A 399 -6.59 -11.72 -12.31
C HIS A 399 -7.43 -10.46 -12.13
N THR A 400 -8.60 -10.58 -11.50
N THR A 400 -8.61 -10.58 -11.51
CA THR A 400 -9.46 -9.43 -11.27
CA THR A 400 -9.45 -9.40 -11.30
C THR A 400 -8.79 -8.39 -10.38
C THR A 400 -8.77 -8.37 -10.41
N ASN A 401 -7.80 -8.79 -9.58
CA ASN A 401 -7.07 -7.82 -8.77
C ASN A 401 -6.37 -6.78 -9.65
N SER A 402 -6.00 -7.15 -10.87
CA SER A 402 -5.35 -6.17 -11.74
C SER A 402 -6.33 -5.16 -12.30
N VAL A 403 -7.63 -5.31 -12.03
CA VAL A 403 -8.66 -4.37 -12.49
C VAL A 403 -8.98 -3.35 -11.39
N VAL A 404 -8.82 -3.75 -10.12
CA VAL A 404 -9.55 -3.08 -9.05
C VAL A 404 -8.86 -1.80 -8.58
N ASN A 405 -7.53 -1.74 -8.60
CA ASN A 405 -6.84 -0.57 -8.03
C ASN A 405 -7.28 0.74 -8.67
N PRO A 406 -7.39 0.88 -10.00
CA PRO A 406 -7.88 2.16 -10.56
C PRO A 406 -9.21 2.63 -9.99
N PHE A 407 -10.11 1.71 -9.63
CA PHE A 407 -11.37 2.10 -9.03
C PHE A 407 -11.18 2.62 -7.60
N ILE A 408 -10.28 1.98 -6.85
CA ILE A 408 -10.02 2.45 -5.49
C ILE A 408 -9.45 3.86 -5.51
N TYR A 409 -8.53 4.14 -6.45
CA TYR A 409 -7.99 5.49 -6.55
C TYR A 409 -9.06 6.49 -6.93
N ALA A 410 -9.95 6.13 -7.86
CA ALA A 410 -10.99 7.07 -8.29
C ALA A 410 -11.95 7.38 -7.15
N TYR A 411 -12.34 6.36 -6.39
CA TYR A 411 -13.30 6.54 -5.32
C TYR A 411 -12.70 7.11 -4.04
N ARG A 412 -11.39 6.96 -3.84
CA ARG A 412 -10.81 7.31 -2.55
C ARG A 412 -9.81 8.46 -2.60
N ILE A 413 -9.31 8.83 -3.77
CA ILE A 413 -8.27 9.85 -3.86
C ILE A 413 -8.77 10.89 -4.86
N ARG A 414 -9.24 12.02 -4.34
CA ARG A 414 -9.82 13.08 -5.17
C ARG A 414 -8.87 13.52 -6.29
N GLU A 415 -7.57 13.64 -6.01
CA GLU A 415 -6.63 14.11 -7.04
C GLU A 415 -6.58 13.15 -8.22
N PHE A 416 -6.70 11.85 -7.96
CA PHE A 416 -6.81 10.89 -9.07
C PHE A 416 -8.14 11.07 -9.77
N ARG A 417 -9.23 11.09 -9.00
CA ARG A 417 -10.58 11.20 -9.57
C ARG A 417 -10.70 12.43 -10.47
N GLN A 418 -10.12 13.55 -10.06
CA GLN A 418 -10.22 14.76 -10.88
C GLN A 418 -9.37 14.63 -12.14
N THR A 419 -8.21 13.99 -12.03
CA THR A 419 -7.37 13.78 -13.20
C THR A 419 -7.99 12.77 -14.15
N PHE A 420 -8.56 11.69 -13.62
CA PHE A 420 -9.31 10.75 -14.43
C PHE A 420 -10.41 11.44 -15.22
N ARG A 421 -11.20 12.28 -14.55
N ARG A 421 -11.20 12.29 -14.56
CA ARG A 421 -12.28 13.00 -15.22
CA ARG A 421 -12.29 12.97 -15.24
C ARG A 421 -11.76 13.82 -16.40
C ARG A 421 -11.78 13.84 -16.40
N LYS A 422 -10.68 14.58 -16.19
CA LYS A 422 -10.21 15.48 -17.23
C LYS A 422 -9.63 14.68 -18.41
N ILE A 423 -8.93 13.57 -18.12
CA ILE A 423 -8.38 12.76 -19.20
C ILE A 423 -9.50 12.19 -20.06
N ILE A 424 -10.54 11.68 -19.42
CA ILE A 424 -11.66 11.08 -20.15
C ILE A 424 -12.40 12.13 -20.95
N ARG A 425 -12.73 13.26 -20.31
CA ARG A 425 -13.46 14.33 -20.98
C ARG A 425 -12.72 14.82 -22.22
N SER A 426 -11.44 15.17 -22.09
CA SER A 426 -10.68 15.62 -23.26
C SER A 426 -10.40 14.49 -24.24
N HIS A 427 -9.86 13.37 -23.75
CA HIS A 427 -9.27 12.37 -24.65
C HIS A 427 -10.21 11.21 -24.99
N VAL A 428 -11.43 11.17 -24.44
CA VAL A 428 -12.37 10.11 -24.78
C VAL A 428 -13.74 10.72 -25.00
N LEU A 429 -13.79 12.03 -25.19
CA LEU A 429 -15.04 12.76 -25.41
C LEU A 429 -14.77 14.17 -25.91
O A1H3L B . -1.35 -18.41 -12.07
C A1H3L B . -0.82 -18.27 -8.75
N A1H3L B . -1.11 -20.02 -10.48
C1 A1H3L B . -0.16 -19.18 -9.74
C10 A1H3L B . -6.10 -27.65 -15.07
C11 A1H3L B . -6.12 -28.78 -14.25
C12 A1H3L B . -6.61 -31.11 -14.04
C13 A1H3L B . -5.64 -28.71 -12.95
C14 A1H3L B . -5.13 -27.51 -12.47
C15 A1H3L B . -6.51 -26.72 -17.23
C16 A1H3L B . -1.38 -21.29 -9.95
C2 A1H3L B . -1.59 -19.54 -11.69
C3 A1H3L B . -2.90 -19.95 -13.71
C4 A1H3L B . -1.94 -20.15 -14.85
C5 A1H3L B . -2.65 -21.72 -12.00
C6 A1H3L B . -2.17 -22.13 -10.79
C7 A1H3L B . -3.32 -23.71 -11.78
C8 A1H3L B . -5.10 -26.38 -13.29
C9 A1H3L B . -5.60 -26.45 -14.59
N1 A1H3L B . -2.36 -20.43 -12.43
N2 A1H3L B . -2.61 -23.42 -10.66
N3 A1H3L B . -3.36 -22.70 -12.64
N4 A1H3L B . -3.91 -24.98 -11.91
N5 A1H3L B . -4.52 -25.11 -13.01
O1 A1H3L B . -6.61 -29.93 -14.82
O2 A1H3L B . -6.56 -27.84 -16.34
O3 A1H3L B . -0.95 -21.58 -8.84
C1 CLR C . -10.45 -28.62 -1.83
C2 CLR C . -10.60 -30.02 -2.39
C3 CLR C . -11.28 -30.93 -1.39
C4 CLR C . -12.64 -30.35 -0.97
C5 CLR C . -12.53 -28.91 -0.51
C6 CLR C . -13.22 -28.48 0.55
C7 CLR C . -13.33 -27.04 0.96
C8 CLR C . -12.81 -26.07 -0.10
C9 CLR C . -11.53 -26.63 -0.74
C10 CLR C . -11.80 -27.97 -1.45
C11 CLR C . -10.85 -25.61 -1.66
C12 CLR C . -10.65 -24.25 -1.00
C13 CLR C . -11.96 -23.66 -0.48
C14 CLR C . -12.52 -24.70 0.51
C15 CLR C . -13.64 -23.97 1.23
C16 CLR C . -13.08 -22.55 1.39
C17 CLR C . -11.85 -22.41 0.44
C18 CLR C . -12.95 -23.40 -1.63
C19 CLR C . -12.65 -27.76 -2.71
C20 CLR C . -11.75 -20.99 -0.17
C21 CLR C . -10.54 -20.79 -1.08
C22 CLR C . -11.72 -19.95 0.96
C23 CLR C . -11.27 -18.56 0.54
C24 CLR C . -11.07 -17.65 1.74
C25 CLR C . -11.11 -16.15 1.45
C26 CLR C . -12.19 -15.83 0.42
C27 CLR C . -9.76 -15.61 0.99
O1 CLR C . -11.42 -32.21 -1.97
C1 CLR D . -4.15 -28.80 5.77
C2 CLR D . -4.39 -30.27 5.45
C3 CLR D . -5.74 -30.72 5.98
C4 CLR D . -6.86 -29.81 5.45
C5 CLR D . -6.56 -28.35 5.67
C6 CLR D . -7.48 -27.54 6.19
C7 CLR D . -7.34 -26.05 6.31
C8 CLR D . -6.14 -25.50 5.55
C9 CLR D . -4.92 -26.44 5.68
C10 CLR D . -5.21 -27.86 5.18
C11 CLR D . -3.67 -25.81 5.05
C12 CLR D . -3.39 -24.39 5.53
C13 CLR D . -4.58 -23.47 5.32
C14 CLR D . -5.76 -24.13 6.05
C15 CLR D . -6.84 -23.05 6.08
C16 CLR D . -6.04 -21.74 6.24
C17 CLR D . -4.54 -22.08 6.03
C18 CLR D . -4.89 -23.29 3.83
C19 CLR D . -5.22 -27.93 3.64
C20 CLR D . -3.78 -20.91 5.39
C21 CLR D . -2.26 -21.02 5.47
C22 CLR D . -4.23 -19.60 6.04
C23 CLR D . -3.51 -18.35 5.55
C24 CLR D . -3.28 -17.34 6.65
C25 CLR D . -4.37 -16.26 6.78
C26 CLR D . -4.92 -15.91 5.40
C27 CLR D . -3.85 -15.01 7.48
O1 CLR D . -5.92 -32.06 5.57
C1 CLR E . 6.46 -22.21 -27.24
C2 CLR E . 6.46 -23.73 -27.36
C3 CLR E . 7.87 -24.28 -27.35
C4 CLR E . 8.61 -23.80 -26.10
C5 CLR E . 8.57 -22.31 -25.93
C6 CLR E . 9.66 -21.64 -25.57
C7 CLR E . 9.73 -20.17 -25.33
C8 CLR E . 8.37 -19.49 -25.21
C9 CLR E . 7.36 -20.12 -26.17
C10 CLR E . 7.20 -21.65 -26.00
C11 CLR E . 6.02 -19.35 -26.12
C12 CLR E . 6.17 -17.86 -26.37
C13 CLR E . 7.19 -17.20 -25.43
C14 CLR E . 8.50 -18.01 -25.53
C15 CLR E . 9.50 -17.17 -24.75
C16 CLR E . 9.12 -15.73 -25.17
C17 CLR E . 7.71 -15.79 -25.82
C18 CLR E . 6.69 -17.13 -23.99
C19 CLR E . 6.41 -22.00 -24.73
C20 CLR E . 6.88 -14.56 -25.44
C21 CLR E . 5.51 -14.46 -26.11
C22 CLR E . 7.68 -13.29 -25.78
C23 CLR E . 6.89 -11.99 -25.65
C24 CLR E . 7.79 -10.77 -25.81
C25 CLR E . 7.23 -9.49 -25.22
C26 CLR E . 5.91 -9.11 -25.91
C27 CLR E . 8.23 -8.33 -25.31
O1 CLR E . 7.80 -25.69 -27.40
C1 OLA F . -0.28 -33.69 6.64
O1 OLA F . -0.76 -34.81 6.96
O2 OLA F . 0.34 -33.58 5.57
C2 OLA F . -0.47 -32.50 7.55
C3 OLA F . -0.66 -31.24 6.73
C4 OLA F . 0.22 -30.12 7.28
C5 OLA F . -0.58 -28.83 7.42
C6 OLA F . 0.35 -27.63 7.54
C7 OLA F . -0.45 -26.35 7.77
C8 OLA F . 0.45 -25.13 7.94
C9 OLA F . -0.45 -23.96 8.25
C10 OLA F . -0.13 -22.59 7.84
C11 OLA F . 0.91 -21.77 8.55
C12 OLA F . 0.91 -20.37 7.95
C1 OLA G . 4.50 -31.34 7.12
O1 OLA G . 3.94 -31.45 6.01
O2 OLA G . 4.56 -32.33 7.88
C2 OLA G . 5.14 -30.03 7.54
C3 OLA G . 4.21 -28.88 7.17
C4 OLA G . 4.17 -27.83 8.29
C5 OLA G . 5.22 -26.75 8.08
C6 OLA G . 4.58 -25.38 7.92
C7 OLA G . 5.37 -24.33 8.68
C8 OLA G . 4.53 -23.10 8.99
C9 OLA G . 5.25 -22.23 9.99
C1 OLA H . 2.43 -24.62 -30.34
O1 OLA H . 1.57 -24.43 -31.22
O2 OLA H . 2.76 -25.79 -30.05
C2 OLA H . 3.07 -23.44 -29.64
C3 OLA H . 2.05 -22.32 -29.43
C4 OLA H . 2.42 -21.49 -28.19
C5 OLA H . 1.44 -20.34 -27.97
C6 OLA H . 2.07 -19.18 -27.23
C7 OLA H . 1.07 -18.05 -27.07
C8 OLA H . 1.75 -16.69 -26.85
C9 OLA H . 1.09 -15.97 -25.71
C10 OLA H . 0.88 -14.51 -25.78
C11 OLA H . 1.08 -13.79 -27.10
C12 OLA H . 2.14 -12.71 -26.95
C13 OLA H . 1.61 -11.43 -26.30
C14 OLA H . 0.25 -11.03 -26.89
C1 OLA I . -0.82 -23.27 -33.65
O1 OLA I . -0.94 -22.76 -34.79
O2 OLA I . -0.87 -24.52 -33.54
C2 OLA I . -0.62 -22.39 -32.45
C3 OLA I . -1.01 -20.96 -32.78
C4 OLA I . -0.74 -20.05 -31.58
C5 OLA I . -1.04 -18.59 -31.91
C6 OLA I . -0.27 -17.68 -30.96
C7 OLA I . -1.01 -16.36 -30.73
C8 OLA I . -0.29 -15.23 -31.45
C9 OLA I . -0.73 -13.90 -30.89
C10 OLA I . -0.16 -12.65 -31.43
C11 OLA I . 1.17 -12.14 -30.94
C12 OLA I . 1.63 -10.96 -31.79
C13 OLA I . 0.88 -9.67 -31.45
C14 OLA I . 1.79 -8.67 -30.74
C1 OLA J . 5.12 8.25 -14.70
O1 OLA J . 3.96 8.24 -14.26
O2 OLA J . 5.91 9.14 -14.32
C2 OLA J . 5.58 7.17 -15.65
C3 OLA J . 4.37 6.40 -16.15
C4 OLA J . 4.77 5.35 -17.19
C5 OLA J . 5.70 4.29 -16.59
C6 OLA J . 5.69 3.04 -17.47
C7 OLA J . 4.51 2.16 -17.11
C8 OLA J . 4.09 1.27 -18.27
C9 OLA J . 4.70 -0.11 -18.08
C10 OLA J . 4.04 -1.30 -18.61
C11 OLA J . 4.51 -1.96 -19.89
C1 OLA K . -12.80 -19.01 -27.79
O1 OLA K . -13.03 -20.21 -27.50
O2 OLA K . -12.02 -18.76 -28.74
C2 OLA K . -13.46 -17.88 -27.04
C3 OLA K . -14.60 -17.32 -27.87
C4 OLA K . -14.21 -15.98 -28.48
C5 OLA K . -13.72 -15.01 -27.41
C6 OLA K . -13.86 -13.57 -27.90
C7 OLA K . -14.64 -12.73 -26.91
C8 OLA K . -13.73 -12.13 -25.84
C9 OLA K . -14.46 -11.03 -25.12
C1 OLA L . -20.30 -26.83 -12.32
O1 OLA L . -21.11 -27.21 -11.46
O2 OLA L . -19.80 -27.65 -13.12
C2 OLA L . -19.90 -25.37 -12.39
C3 OLA L . -20.12 -24.71 -11.04
C4 OLA L . -20.63 -23.28 -11.21
C5 OLA L . -19.77 -22.52 -12.22
C6 OLA L . -19.84 -21.03 -11.93
C7 OLA L . -18.87 -20.66 -10.82
C8 OLA L . -19.55 -19.80 -9.75
C9 OLA L . -19.69 -18.40 -10.28
C10 OLA L . -19.15 -17.26 -9.53
C11 OLA L . -20.06 -16.35 -8.72
C9 OLA M . -5.11 -3.50 6.49
C10 OLA M . -3.85 -4.19 6.24
C11 OLA M . -3.70 -5.09 5.03
C12 OLA M . -2.62 -6.13 5.32
C13 OLA M . -2.34 -7.00 4.10
C14 OLA M . -3.31 -8.16 3.96
C15 OLA M . -3.69 -8.74 5.32
C16 OLA M . -3.84 -10.26 5.25
C17 OLA M . -2.50 -10.93 5.51
C18 OLA M . -2.56 -12.42 5.21
C4 OLA N . 12.41 2.85 -12.56
C5 OLA N . 13.14 1.76 -13.35
C6 OLA N . 12.16 0.77 -13.98
C7 OLA N . 12.41 -0.64 -13.47
C8 OLA N . 12.60 -1.63 -14.62
C9 OLA N . 12.96 -2.96 -14.00
C10 OLA N . 14.00 -3.85 -14.53
C11 OLA N . 13.64 -5.05 -15.39
C12 OLA N . 14.08 -6.32 -14.66
C13 OLA N . 15.31 -6.96 -15.30
C14 OLA N . 15.07 -8.45 -15.51
C15 OLA N . 15.99 -9.28 -14.62
C16 OLA N . 16.37 -10.58 -15.33
C1 OLA O . -15.68 -30.64 -4.40
O1 OLA O . -16.52 -30.92 -5.29
O2 OLA O . -14.70 -31.39 -4.22
C2 OLA O . -15.84 -29.38 -3.57
C3 OLA O . -16.98 -28.54 -4.13
C4 OLA O . -16.45 -27.21 -4.66
C5 OLA O . -17.20 -26.06 -4.01
C6 OLA O . -16.80 -25.97 -2.53
C7 OLA O . -16.93 -24.57 -1.91
C8 OLA O . -17.55 -23.54 -2.84
C9 OLA O . -16.47 -22.86 -3.64
C10 OLA O . -16.81 -21.71 -4.50
C11 OLA O . -18.22 -21.47 -4.95
C12 OLA O . -18.34 -19.96 -5.12
C13 OLA O . -19.76 -19.48 -5.31
C14 OLA O . -19.77 -18.00 -5.65
C15 OLA O . -18.65 -17.25 -4.90
C1 OLA P . -15.35 -25.69 -16.55
O1 OLA P . -16.30 -26.46 -16.83
O2 OLA P . -14.32 -26.17 -16.02
C2 OLA P . -15.45 -24.22 -16.81
C3 OLA P . -16.81 -23.70 -16.34
C4 OLA P . -16.85 -22.17 -16.36
C5 OLA P . -15.59 -21.60 -15.74
C6 OLA P . -15.90 -20.42 -14.84
C7 OLA P . -14.79 -19.37 -14.89
C8 OLA P . -15.37 -17.97 -15.04
C9 OLA P . -16.64 -17.87 -14.24
C10 OLA P . -17.23 -16.55 -13.97
C11 OLA P . -16.32 -15.35 -13.81
C12 OLA P . -16.92 -14.38 -12.80
C13 OLA P . -16.14 -13.06 -12.80
C14 OLA P . -15.24 -12.96 -11.58
C1 OLA Q . 8.33 4.64 -12.00
O1 OLA Q . 7.35 4.46 -11.23
O2 OLA Q . 8.93 5.73 -11.96
C2 OLA Q . 8.76 3.54 -12.94
C3 OLA Q . 8.17 2.22 -12.47
C4 OLA Q . 7.24 1.62 -13.52
C5 OLA Q . 8.03 0.97 -14.64
C6 OLA Q . 8.45 -0.44 -14.25
C7 OLA Q . 7.92 -1.46 -15.24
C8 OLA Q . 9.02 -2.28 -15.89
C9 OLA Q . 8.76 -3.75 -15.62
C10 OLA Q . 9.53 -4.81 -16.28
C11 OLA Q . 8.81 -5.94 -16.97
C12 OLA Q . 9.69 -6.54 -18.06
C1 OLA R . -12.50 -2.95 2.23
C2 OLA R . -12.43 -4.07 1.22
C3 OLA R . -11.42 -5.13 1.65
C4 OLA R . -10.62 -4.69 2.87
C5 OLA R . -9.38 -5.53 3.07
C6 OLA R . -9.65 -7.02 2.85
C7 OLA R . -8.93 -7.86 3.91
C8 OLA R . -8.74 -9.30 3.45
C9 OLA R . -7.72 -9.97 4.33
C10 OLA R . -7.26 -11.34 4.02
C10 OLA S . -14.42 -3.57 -9.87
C11 OLA S . -13.62 -4.38 -10.86
C12 OLA S . -14.29 -5.72 -11.10
C13 OLA S . -13.74 -6.36 -12.37
C14 OLA S . -14.71 -7.38 -12.95
C15 OLA S . -13.97 -8.33 -13.89
C16 OLA S . -14.89 -8.86 -14.98
C1 OLA T . 13.59 -26.30 -23.23
O1 OLA T . 13.10 -27.31 -22.67
O2 OLA T . 14.82 -26.29 -23.47
C2 OLA T . 12.73 -25.13 -23.64
C3 OLA T . 13.49 -23.81 -23.52
C4 OLA T . 12.57 -22.65 -23.85
C5 OLA T . 13.14 -21.33 -23.34
C6 OLA T . 13.91 -20.63 -24.45
C7 OLA T . 14.48 -19.30 -23.97
C8 OLA T . 13.49 -18.54 -23.09
C9 OLA T . 14.15 -17.26 -22.66
C10 OLA T . 13.38 -16.20 -21.99
C11 OLA T . 11.94 -15.98 -22.33
C12 OLA T . 11.66 -14.52 -22.68
C13 OLA T . 12.91 -13.64 -22.54
C14 OLA T . 12.55 -12.16 -22.60
C1 OLA U . 16.13 -20.58 -19.42
O1 OLA U . 15.62 -21.62 -19.88
O2 OLA U . 16.64 -19.75 -20.20
C2 OLA U . 16.15 -20.33 -17.93
C3 OLA U . 16.65 -18.91 -17.65
C4 OLA U . 15.51 -17.90 -17.68
C5 OLA U . 15.64 -16.86 -16.58
C6 OLA U . 16.21 -17.47 -15.31
C7 OLA U . 16.06 -16.57 -14.09
C8 OLA U . 16.60 -15.16 -14.33
C9 OLA U . 16.61 -14.43 -13.01
C10 OLA U . 16.87 -12.98 -12.94
C1 OLA V . 18.80 -23.34 -17.01
O1 OLA V . 18.64 -22.93 -18.17
O2 OLA V . 18.93 -24.56 -16.82
C2 OLA V . 18.81 -22.36 -15.85
C3 OLA V . 19.29 -21.00 -16.35
C4 OLA V . 20.19 -20.34 -15.31
C5 OLA V . 20.02 -18.82 -15.32
C6 OLA V . 21.21 -18.14 -14.64
C7 OLA V . 20.92 -17.93 -13.16
C8 OLA V . 20.62 -16.47 -12.87
C9 OLA V . 21.85 -15.82 -12.26
C10 OLA V . 21.99 -14.37 -12.30
C1 OLA W . 10.63 3.49 0.86
O1 OLA W . 9.88 4.41 0.45
O2 OLA W . 11.78 3.79 1.27
C2 OLA W . 10.15 2.07 0.87
C3 OLA W . 11.34 1.11 1.04
C4 OLA W . 11.19 -0.08 0.11
C5 OLA W . 10.93 -1.37 0.89
C6 OLA W . 11.34 -2.59 0.08
C7 OLA W . 10.10 -3.38 -0.37
C1 OLA X . -2.80 -24.20 -29.14
O1 OLA X . -3.93 -24.34 -28.64
O2 OLA X . -2.28 -25.17 -29.74
C2 OLA X . -2.06 -22.89 -29.01
C3 OLA X . -2.53 -22.16 -27.76
C4 OLA X . -3.50 -21.04 -28.15
C5 OLA X . -3.57 -19.96 -27.07
C6 OLA X . -2.91 -18.69 -27.57
C7 OLA X . -3.94 -17.56 -27.60
C8 OLA X . -3.54 -16.42 -26.67
C9 OLA X . -4.76 -15.56 -26.43
C10 OLA X . -4.77 -14.16 -26.87
C11 OLA X . -3.51 -13.52 -27.42
C12 OLA X . -3.69 -12.01 -27.47
C13 OLA X . -5.09 -11.63 -27.93
NA NA Y . -0.93 -6.88 -9.40
#